data_6NUM
#
_entry.id   6NUM
#
_cell.length_a   88.630
_cell.length_b   88.630
_cell.length_c   114.570
_cell.angle_alpha   90.00
_cell.angle_beta   90.00
_cell.angle_gamma   120.00
#
_symmetry.space_group_name_H-M   'P 31 2 1'
#
loop_
_entity.id
_entity.type
_entity.pdbx_description
1 polymer Beta-fructofuranosidase
2 water water
#
_entity_poly.entity_id   1
_entity_poly.type   'polypeptide(L)'
_entity_poly.pdbx_seq_one_letter_code
;MTGFTPDAPVLHEIKNHSEELTKAEAGVAAFAAKRNNRWYPKFHIASNGGWINDPNGLCFYKGRWHVFYQLHPYGTQWGP
MHWGHVSSADMVNWKREPIMFAPSLEEEKDGVFSGSAVIGDDGKLKFYYTGHRWANGKDNTGGDWQVQMLAEPDNDELTS
ATKRGMVIDCPTDKVNHHYRDPKVWKTGDKWYMTFGVSSAEKRGQMWLFSSDDMVKWTYEQVLFEHPDSNVFMLECPDFF
PIKDVEGNEKWVIGFSAMGAKPSGFMNRNVNNAGYMIGTWTPGEQFKPETEFRLWDCGHNYYAPQSFNDGKRQIVYGWMS
PFVEPIPMQDDGWCGNLTLPREITLGADGDLHTAPVAEMEGLREDTVDFGAIDLDVSGEKTIVDDAEAVEIEMTIDLANS
TAERAGLRVHATEDGAYTSVAYDDQIGRVVVDRQANAQGDRGYRTAPLSEAELAAGELKLRVYVDRGCVEVYVNDGRQVL
SSYSYASEGPRAIKLVAESGTLKVKSLVLHHMKSIGLE
;
_entity_poly.pdbx_strand_id   A
#
# COMPACT_ATOMS: atom_id res chain seq x y z
N GLY A 3 29.84 -5.64 18.03
CA GLY A 3 29.83 -4.51 17.10
C GLY A 3 28.49 -3.81 17.06
N PHE A 4 27.68 -4.10 16.04
CA PHE A 4 26.35 -3.51 15.92
C PHE A 4 25.24 -4.56 16.00
N THR A 5 25.51 -5.71 16.61
CA THR A 5 24.52 -6.77 16.80
C THR A 5 24.57 -7.24 18.24
N PRO A 6 23.86 -6.56 19.14
CA PRO A 6 23.93 -6.94 20.57
C PRO A 6 23.44 -8.36 20.80
N ASP A 7 24.02 -9.01 21.82
CA ASP A 7 23.62 -10.37 22.17
C ASP A 7 22.27 -10.42 22.88
N ALA A 8 21.81 -9.27 23.38
CA ALA A 8 20.51 -9.15 24.05
C ALA A 8 19.96 -7.77 23.73
N PRO A 9 18.63 -7.61 23.69
CA PRO A 9 18.06 -6.30 23.32
C PRO A 9 18.53 -5.19 24.26
N VAL A 10 18.73 -4.02 23.68
CA VAL A 10 19.27 -2.86 24.37
C VAL A 10 18.11 -1.92 24.69
N LEU A 11 17.74 -1.83 25.97
CA LEU A 11 16.57 -1.09 26.41
C LEU A 11 16.99 0.21 27.09
N HIS A 12 16.61 1.34 26.51
CA HIS A 12 16.93 2.68 27.01
C HIS A 12 15.64 3.49 27.08
N GLU A 13 14.97 3.45 28.23
CA GLU A 13 13.68 4.11 28.39
C GLU A 13 13.90 5.56 28.80
N ILE A 14 13.32 6.49 28.04
CA ILE A 14 13.46 7.91 28.32
C ILE A 14 12.13 8.59 28.63
N LYS A 15 10.99 8.00 28.28
CA LYS A 15 9.69 8.59 28.56
C LYS A 15 8.73 7.51 29.06
N ASN A 16 7.62 7.96 29.64
CA ASN A 16 6.56 7.09 30.11
C ASN A 16 5.64 6.79 28.92
N HIS A 17 5.66 5.54 28.45
CA HIS A 17 4.95 5.18 27.23
C HIS A 17 3.45 5.40 27.36
N SER A 18 2.87 5.02 28.50
CA SER A 18 1.44 5.24 28.70
C SER A 18 1.09 6.71 28.66
N GLU A 19 1.99 7.57 29.18
CA GLU A 19 1.78 9.01 29.09
C GLU A 19 1.85 9.48 27.65
N GLU A 20 2.83 8.99 26.89
CA GLU A 20 2.96 9.39 25.49
C GLU A 20 1.79 8.89 24.65
N LEU A 21 1.27 7.71 24.95
CA LEU A 21 0.12 7.20 24.21
C LEU A 21 -1.12 8.04 24.51
N THR A 22 -1.32 8.40 25.77
CA THR A 22 -2.47 9.23 26.13
C THR A 22 -2.47 10.53 25.34
N LYS A 23 -1.31 11.18 25.20
CA LYS A 23 -1.24 12.41 24.42
C LYS A 23 -1.63 12.16 22.97
N ALA A 24 -1.22 11.01 22.41
CA ALA A 24 -1.51 10.73 21.00
C ALA A 24 -3.01 10.48 20.79
N GLU A 25 -3.66 9.83 21.76
CA GLU A 25 -5.10 9.59 21.63
C GLU A 25 -5.87 10.89 21.60
N ALA A 26 -5.39 11.90 22.33
CA ALA A 26 -6.04 13.21 22.36
C ALA A 26 -6.04 13.86 20.98
N GLY A 27 -4.85 14.00 20.39
CA GLY A 27 -4.76 14.67 19.09
C GLY A 27 -5.63 14.02 18.04
N VAL A 28 -5.55 12.68 17.93
CA VAL A 28 -6.34 11.98 16.93
C VAL A 28 -7.83 12.23 17.14
N ALA A 29 -8.29 12.20 18.40
CA ALA A 29 -9.70 12.42 18.67
C ALA A 29 -10.11 13.87 18.45
N ALA A 30 -9.22 14.82 18.78
CA ALA A 30 -9.51 16.22 18.51
C ALA A 30 -9.67 16.46 17.01
N PHE A 31 -8.90 15.74 16.19
CA PHE A 31 -9.05 15.86 14.74
C PHE A 31 -10.31 15.13 14.27
N ALA A 32 -10.61 13.97 14.85
CA ALA A 32 -11.79 13.22 14.43
C ALA A 32 -13.08 13.98 14.70
N ALA A 33 -13.07 14.87 15.70
CA ALA A 33 -14.26 15.62 16.06
C ALA A 33 -14.60 16.72 15.06
N LYS A 34 -13.58 17.29 14.42
CA LYS A 34 -13.75 18.36 13.45
C LYS A 34 -13.57 17.87 12.02
N ARG A 35 -13.61 16.56 11.81
CA ARG A 35 -13.27 15.98 10.51
C ARG A 35 -14.34 16.30 9.48
N ASN A 36 -13.91 16.61 8.26
CA ASN A 36 -14.80 16.79 7.12
C ASN A 36 -14.83 15.48 6.34
N ASN A 37 -16.03 14.91 6.17
CA ASN A 37 -16.18 13.59 5.58
C ASN A 37 -16.46 13.62 4.08
N ARG A 38 -16.24 14.76 3.41
CA ARG A 38 -16.52 14.80 1.97
C ARG A 38 -15.71 13.76 1.22
N TRP A 39 -14.45 13.55 1.61
CA TRP A 39 -13.58 12.59 0.96
C TRP A 39 -13.18 11.43 1.88
N TYR A 40 -13.76 11.33 3.07
CA TYR A 40 -13.35 10.32 4.02
C TYR A 40 -13.83 8.94 3.56
N PRO A 41 -12.98 7.92 3.61
CA PRO A 41 -13.36 6.63 3.01
C PRO A 41 -14.44 5.91 3.80
N LYS A 42 -15.39 5.34 3.06
CA LYS A 42 -16.41 4.49 3.67
C LYS A 42 -15.88 3.07 3.89
N PHE A 43 -15.07 2.55 2.96
CA PHE A 43 -14.62 1.16 3.05
C PHE A 43 -13.11 1.03 2.86
N HIS A 44 -12.35 2.06 3.21
CA HIS A 44 -10.90 1.96 3.28
C HIS A 44 -10.43 2.31 4.68
N ILE A 45 -9.30 1.73 5.08
CA ILE A 45 -8.75 2.00 6.41
C ILE A 45 -8.01 3.32 6.40
N ALA A 46 -8.47 4.26 7.22
CA ALA A 46 -7.76 5.49 7.52
C ALA A 46 -7.80 5.70 9.04
N SER A 47 -6.99 6.62 9.53
CA SER A 47 -7.11 7.02 10.92
C SER A 47 -8.40 7.80 11.11
N ASN A 48 -8.92 7.79 12.34
CA ASN A 48 -10.08 8.64 12.60
C ASN A 48 -9.68 10.11 12.62
N GLY A 49 -8.41 10.42 12.84
CA GLY A 49 -7.91 11.77 12.77
C GLY A 49 -6.43 11.80 12.42
N GLY A 50 -6.01 12.78 11.65
CA GLY A 50 -4.61 12.95 11.36
C GLY A 50 -4.10 12.14 10.18
N TRP A 51 -2.79 12.24 9.98
CA TRP A 51 -2.12 11.66 8.82
C TRP A 51 -1.67 10.25 9.12
N ILE A 52 -1.74 9.39 8.10
CA ILE A 52 -1.13 8.06 8.13
C ILE A 52 -0.30 7.86 6.87
N ASN A 53 0.70 6.99 6.97
CA ASN A 53 1.34 6.47 5.76
C ASN A 53 1.50 4.94 5.87
N ASP A 54 2.74 4.44 5.89
CA ASP A 54 3.03 3.04 5.63
C ASP A 54 2.13 2.11 6.45
N PRO A 55 1.58 1.05 5.85
CA PRO A 55 0.99 -0.03 6.65
C PRO A 55 2.06 -0.79 7.42
N ASN A 56 1.74 -1.14 8.66
CA ASN A 56 2.68 -1.73 9.60
C ASN A 56 2.09 -2.97 10.26
N GLY A 57 2.97 -3.83 10.75
CA GLY A 57 2.62 -4.93 11.63
C GLY A 57 1.50 -5.83 11.13
N LEU A 58 1.37 -5.95 9.82
CA LEU A 58 0.28 -6.72 9.24
C LEU A 58 0.40 -8.18 9.64
N CYS A 59 -0.71 -8.77 10.06
CA CYS A 59 -0.69 -10.18 10.44
C CYS A 59 -2.12 -10.69 10.52
N PHE A 60 -2.23 -12.00 10.61
CA PHE A 60 -3.42 -12.70 11.10
C PHE A 60 -2.97 -13.49 12.30
N TYR A 61 -3.50 -13.13 13.47
CA TYR A 61 -2.95 -13.61 14.73
C TYR A 61 -4.08 -13.91 15.68
N LYS A 62 -4.12 -15.15 16.18
CA LYS A 62 -5.08 -15.56 17.19
C LYS A 62 -6.51 -15.26 16.73
N GLY A 63 -6.78 -15.52 15.46
CA GLY A 63 -8.11 -15.42 14.91
C GLY A 63 -8.57 -14.04 14.48
N ARG A 64 -7.67 -13.06 14.41
CA ARG A 64 -8.06 -11.72 13.99
C ARG A 64 -7.11 -11.17 12.94
N TRP A 65 -7.64 -10.33 12.06
CA TRP A 65 -6.85 -9.56 11.12
C TRP A 65 -6.43 -8.26 11.78
N HIS A 66 -5.14 -7.94 11.68
CA HIS A 66 -4.59 -6.75 12.31
C HIS A 66 -3.89 -5.90 11.26
N VAL A 67 -4.12 -4.60 11.35
CA VAL A 67 -3.53 -3.62 10.44
C VAL A 67 -3.06 -2.46 11.29
N PHE A 68 -1.75 -2.25 11.35
CA PHE A 68 -1.16 -1.09 11.97
C PHE A 68 -0.71 -0.12 10.88
N TYR A 69 -0.40 1.11 11.26
CA TYR A 69 0.02 2.07 10.25
C TYR A 69 0.81 3.20 10.90
N GLN A 70 1.81 3.70 10.17
CA GLN A 70 2.46 4.95 10.54
C GLN A 70 1.41 6.03 10.75
N LEU A 71 1.55 6.80 11.83
CA LEU A 71 0.51 7.73 12.26
C LEU A 71 1.15 8.98 12.83
N HIS A 72 0.68 10.14 12.39
CA HIS A 72 1.02 11.42 13.02
C HIS A 72 -0.22 11.95 13.73
N PRO A 73 -0.33 11.78 15.05
CA PRO A 73 -1.59 12.12 15.74
C PRO A 73 -1.85 13.62 15.84
N TYR A 74 -0.90 14.48 15.47
CA TYR A 74 -0.98 15.90 15.79
C TYR A 74 -1.10 16.80 14.57
N GLY A 75 -1.27 16.25 13.38
CA GLY A 75 -1.45 17.05 12.18
C GLY A 75 -1.85 16.20 11.01
N THR A 76 -2.21 16.88 9.91
CA THR A 76 -2.58 16.20 8.68
C THR A 76 -1.43 16.06 7.69
N GLN A 77 -0.24 16.50 8.06
CA GLN A 77 0.99 16.23 7.33
C GLN A 77 1.81 15.20 8.09
N TRP A 78 2.93 14.78 7.50
CA TRP A 78 3.84 13.88 8.19
C TRP A 78 4.42 14.57 9.42
N GLY A 79 4.60 13.80 10.50
CA GLY A 79 5.12 14.32 11.75
C GLY A 79 5.56 13.21 12.68
N PRO A 80 5.81 13.55 13.96
CA PRO A 80 6.24 12.55 14.95
C PRO A 80 5.50 11.23 14.86
N MET A 81 6.21 10.16 14.51
CA MET A 81 5.56 8.94 14.03
C MET A 81 5.11 8.05 15.17
N HIS A 82 3.90 7.53 15.02
CA HIS A 82 3.28 6.58 15.95
C HIS A 82 2.77 5.39 15.14
N TRP A 83 2.22 4.40 15.84
CA TRP A 83 1.54 3.28 15.21
C TRP A 83 0.08 3.31 15.62
N GLY A 84 -0.81 3.57 14.66
CA GLY A 84 -2.23 3.33 14.85
C GLY A 84 -2.55 1.86 14.62
N HIS A 85 -3.79 1.47 14.94
CA HIS A 85 -4.15 0.07 14.98
C HIS A 85 -5.64 -0.11 14.73
N VAL A 86 -6.00 -1.01 13.81
CA VAL A 86 -7.37 -1.47 13.64
C VAL A 86 -7.36 -2.99 13.51
N SER A 87 -8.46 -3.62 13.90
CA SER A 87 -8.56 -5.07 13.88
C SER A 87 -9.94 -5.49 13.37
N SER A 88 -10.00 -6.72 12.87
CA SER A 88 -11.24 -7.26 12.34
C SER A 88 -11.17 -8.78 12.40
N ALA A 89 -12.34 -9.41 12.47
CA ALA A 89 -12.43 -10.86 12.48
C ALA A 89 -12.75 -11.44 11.11
N ASP A 90 -13.20 -10.62 10.16
CA ASP A 90 -13.59 -11.11 8.84
C ASP A 90 -13.10 -10.24 7.69
N MET A 91 -12.32 -9.20 7.97
CA MET A 91 -11.78 -8.23 7.00
C MET A 91 -12.85 -7.36 6.36
N VAL A 92 -14.08 -7.43 6.84
CA VAL A 92 -15.17 -6.57 6.38
C VAL A 92 -15.58 -5.57 7.46
N ASN A 93 -15.80 -6.06 8.68
CA ASN A 93 -16.23 -5.23 9.80
C ASN A 93 -15.03 -4.97 10.70
N TRP A 94 -14.54 -3.74 10.69
CA TRP A 94 -13.30 -3.40 11.39
C TRP A 94 -13.61 -2.62 12.66
N LYS A 95 -12.70 -2.72 13.62
CA LYS A 95 -12.83 -2.04 14.90
C LYS A 95 -11.61 -1.15 15.12
N ARG A 96 -11.84 -0.05 15.83
CA ARG A 96 -10.73 0.82 16.24
C ARG A 96 -10.07 0.26 17.50
N GLU A 97 -8.76 0.36 17.54
CA GLU A 97 -7.96 -0.14 18.65
C GLU A 97 -7.15 1.00 19.27
N PRO A 98 -6.66 0.85 20.49
CA PRO A 98 -5.77 1.87 21.04
C PRO A 98 -4.56 2.05 20.15
N ILE A 99 -4.05 3.28 20.11
CA ILE A 99 -2.77 3.53 19.44
C ILE A 99 -1.73 2.60 20.06
N MET A 100 -0.93 1.97 19.22
CA MET A 100 -0.04 0.90 19.66
C MET A 100 1.27 1.46 20.23
N PHE A 101 1.90 2.38 19.51
CA PHE A 101 3.26 2.80 19.82
C PHE A 101 3.39 4.32 19.77
N ALA A 102 4.05 4.87 20.77
CA ALA A 102 4.53 6.24 20.81
C ALA A 102 6.01 6.23 21.19
N PRO A 103 6.78 7.20 20.72
CA PRO A 103 8.20 7.25 21.08
C PRO A 103 8.38 7.35 22.59
N SER A 104 9.16 6.41 23.14
CA SER A 104 9.44 6.41 24.58
C SER A 104 10.84 5.88 24.87
N LEU A 105 11.52 5.37 23.86
CA LEU A 105 12.89 4.89 24.02
C LEU A 105 13.87 5.86 23.37
N GLU A 106 15.12 5.82 23.83
CA GLU A 106 16.14 6.73 23.32
C GLU A 106 16.36 6.53 21.83
N GLU A 107 16.49 5.28 21.39
CA GLU A 107 16.81 5.00 20.00
C GLU A 107 15.65 5.27 19.05
N GLU A 108 14.49 5.71 19.57
CA GLU A 108 13.31 6.00 18.76
C GLU A 108 12.70 7.35 19.10
N LYS A 109 13.46 8.21 19.79
CA LYS A 109 12.87 9.41 20.39
C LYS A 109 12.21 10.32 19.37
N ASP A 110 12.64 10.26 18.11
CA ASP A 110 12.11 11.15 17.08
C ASP A 110 11.14 10.43 16.13
N GLY A 111 10.78 9.19 16.42
CA GLY A 111 9.79 8.50 15.62
C GLY A 111 9.78 6.99 15.78
N VAL A 112 8.60 6.40 15.86
CA VAL A 112 8.44 4.95 15.84
C VAL A 112 8.12 4.60 14.40
N PHE A 113 9.15 4.24 13.65
CA PHE A 113 9.05 4.11 12.20
C PHE A 113 8.45 2.75 11.84
N SER A 114 8.45 2.44 10.55
CA SER A 114 7.69 1.30 10.05
C SER A 114 8.28 -0.01 10.54
N GLY A 115 7.45 -1.05 10.51
CA GLY A 115 7.88 -2.36 10.94
C GLY A 115 6.84 -3.41 10.62
N SER A 116 7.15 -4.64 11.01
CA SER A 116 6.37 -5.80 10.63
C SER A 116 6.07 -6.66 11.85
N ALA A 117 5.28 -7.71 11.65
CA ALA A 117 4.97 -8.69 12.67
C ALA A 117 5.10 -10.08 12.08
N VAL A 118 5.57 -11.02 12.89
CA VAL A 118 5.81 -12.39 12.43
C VAL A 118 5.59 -13.34 13.61
N ILE A 119 5.06 -14.52 13.32
CA ILE A 119 4.78 -15.53 14.35
C ILE A 119 6.01 -16.41 14.51
N GLY A 120 6.57 -16.43 15.71
CA GLY A 120 7.75 -17.22 16.01
C GLY A 120 7.45 -18.71 16.12
N ASP A 121 8.49 -19.46 16.49
CA ASP A 121 8.37 -20.91 16.57
C ASP A 121 7.50 -21.35 17.75
N ASP A 122 7.34 -20.50 18.76
CA ASP A 122 6.47 -20.78 19.90
C ASP A 122 5.03 -20.33 19.66
N GLY A 123 4.70 -19.92 18.43
CA GLY A 123 3.36 -19.44 18.13
C GLY A 123 3.06 -18.06 18.64
N LYS A 124 4.03 -17.35 19.19
CA LYS A 124 3.82 -16.01 19.72
C LYS A 124 4.38 -14.97 18.77
N LEU A 125 3.66 -13.86 18.63
CA LEU A 125 4.01 -12.82 17.69
C LEU A 125 5.16 -11.97 18.21
N LYS A 126 5.93 -11.41 17.28
CA LYS A 126 6.97 -10.45 17.60
C LYS A 126 6.88 -9.30 16.60
N PHE A 127 7.08 -8.08 17.10
CA PHE A 127 7.15 -6.89 16.25
C PHE A 127 8.61 -6.54 16.03
N TYR A 128 8.95 -6.17 14.80
CA TYR A 128 10.26 -5.60 14.49
C TYR A 128 10.02 -4.26 13.79
N TYR A 129 10.60 -3.19 14.32
CA TYR A 129 10.34 -1.86 13.78
C TYR A 129 11.60 -1.01 13.91
N THR A 130 11.60 0.12 13.20
CA THR A 130 12.75 1.00 13.16
C THR A 130 12.57 2.15 14.14
N GLY A 131 13.58 2.37 14.99
CA GLY A 131 13.61 3.53 15.85
C GLY A 131 14.35 4.65 15.16
N HIS A 132 13.74 5.83 15.14
CA HIS A 132 14.26 6.96 14.39
C HIS A 132 14.79 8.03 15.33
N ARG A 133 16.01 8.50 15.04
CA ARG A 133 16.58 9.70 15.63
C ARG A 133 17.09 10.59 14.50
N TRP A 134 17.02 11.91 14.73
CA TRP A 134 17.71 12.82 13.83
C TRP A 134 19.20 12.75 14.08
N ALA A 135 19.98 12.67 13.00
CA ALA A 135 21.43 12.64 13.16
C ALA A 135 21.92 13.86 13.93
N ASN A 136 21.41 15.04 13.58
CA ASN A 136 21.63 16.28 14.33
C ASN A 136 20.29 16.63 14.95
N GLY A 137 20.04 16.08 16.13
CA GLY A 137 18.72 16.01 16.75
C GLY A 137 17.86 17.25 16.76
N LYS A 138 17.39 17.66 15.59
CA LYS A 138 16.47 18.80 15.50
C LYS A 138 15.53 18.62 14.31
N ASP A 139 16.08 18.56 13.10
CA ASP A 139 15.28 18.44 11.89
C ASP A 139 16.00 17.52 10.92
N ASN A 140 15.51 17.49 9.68
CA ASN A 140 16.04 16.58 8.67
C ASN A 140 17.45 16.97 8.22
N THR A 141 17.87 18.21 8.47
CA THR A 141 19.08 18.74 7.85
C THR A 141 20.31 17.87 8.10
N GLY A 142 20.38 17.20 9.25
CA GLY A 142 21.51 16.35 9.54
C GLY A 142 21.39 14.94 9.00
N GLY A 143 20.26 14.57 8.43
CA GLY A 143 20.03 13.19 8.01
C GLY A 143 19.43 12.35 9.12
N ASP A 144 19.13 11.10 8.78
CA ASP A 144 18.47 10.20 9.71
C ASP A 144 19.48 9.37 10.50
N TRP A 145 18.99 8.82 11.60
CA TRP A 145 19.78 7.92 12.45
C TRP A 145 18.82 6.84 12.95
N GLN A 146 18.88 5.67 12.32
CA GLN A 146 17.85 4.65 12.47
C GLN A 146 18.47 3.32 12.85
N VAL A 147 17.83 2.63 13.80
CA VAL A 147 18.20 1.29 14.25
C VAL A 147 16.96 0.43 14.18
N GLN A 148 17.11 -0.87 14.47
CA GLN A 148 15.99 -1.80 14.44
C GLN A 148 15.63 -2.26 15.85
N MET A 149 14.33 -2.34 16.13
CA MET A 149 13.82 -2.57 17.47
C MET A 149 12.95 -3.82 17.52
N LEU A 150 12.82 -4.37 18.71
CA LEU A 150 11.99 -5.55 18.96
C LEU A 150 10.91 -5.21 19.99
N ALA A 151 9.70 -5.72 19.77
CA ALA A 151 8.61 -5.58 20.72
C ALA A 151 7.77 -6.85 20.70
N GLU A 152 7.15 -7.14 21.85
CA GLU A 152 6.35 -8.33 22.00
C GLU A 152 4.98 -7.97 22.56
N PRO A 153 3.92 -8.65 22.13
CA PRO A 153 2.57 -8.26 22.53
C PRO A 153 2.23 -8.69 23.95
N ASP A 154 1.50 -7.83 24.65
CA ASP A 154 1.08 -8.14 26.01
C ASP A 154 -0.09 -9.12 26.06
N ASN A 155 -0.80 -9.32 24.96
CA ASN A 155 -1.95 -10.20 24.95
C ASN A 155 -2.31 -10.58 23.52
N ASP A 156 -3.10 -11.64 23.38
CA ASP A 156 -3.47 -12.15 22.07
C ASP A 156 -4.18 -11.09 21.22
N GLU A 157 -4.92 -10.20 21.86
CA GLU A 157 -5.70 -9.18 21.15
C GLU A 157 -4.84 -8.07 20.56
N LEU A 158 -3.56 -7.98 20.94
CA LEU A 158 -2.61 -6.99 20.42
C LEU A 158 -3.01 -5.57 20.80
N THR A 159 -3.72 -5.39 21.91
CA THR A 159 -4.09 -4.03 22.29
C THR A 159 -2.87 -3.23 22.75
N SER A 160 -1.83 -3.90 23.24
CA SER A 160 -0.60 -3.23 23.63
C SER A 160 0.56 -4.21 23.48
N ALA A 161 1.77 -3.66 23.48
CA ALA A 161 2.98 -4.45 23.33
C ALA A 161 4.06 -3.92 24.26
N THR A 162 4.99 -4.79 24.63
CA THR A 162 6.13 -4.42 25.46
C THR A 162 7.36 -4.28 24.58
N LYS A 163 7.98 -3.11 24.63
CA LYS A 163 9.22 -2.88 23.89
C LYS A 163 10.37 -3.57 24.60
N ARG A 164 11.18 -4.31 23.85
CA ARG A 164 12.39 -4.91 24.40
C ARG A 164 13.66 -4.12 24.07
N GLY A 165 13.62 -3.26 23.05
CA GLY A 165 14.75 -2.40 22.76
C GLY A 165 15.41 -2.66 21.42
N MET A 166 16.59 -2.09 21.23
CA MET A 166 17.32 -2.22 19.97
C MET A 166 17.94 -3.61 19.86
N VAL A 167 17.69 -4.28 18.73
CA VAL A 167 18.33 -5.56 18.46
C VAL A 167 19.36 -5.47 17.34
N ILE A 168 19.32 -4.43 16.51
CA ILE A 168 20.31 -4.24 15.46
C ILE A 168 20.67 -2.76 15.42
N ASP A 169 21.92 -2.44 15.75
CA ASP A 169 22.43 -1.08 15.72
C ASP A 169 22.89 -0.72 14.30
N CYS A 170 23.31 0.51 14.10
CA CYS A 170 23.63 0.98 12.75
C CYS A 170 25.09 1.43 12.71
N PRO A 171 25.93 0.81 11.87
CA PRO A 171 27.31 1.31 11.70
C PRO A 171 27.32 2.59 10.89
N THR A 172 27.16 3.74 11.56
CA THR A 172 26.84 4.97 10.84
C THR A 172 27.93 5.37 9.85
N ASP A 173 29.19 5.04 10.14
CA ASP A 173 30.27 5.36 9.21
C ASP A 173 30.23 4.51 7.94
N LYS A 174 29.47 3.43 7.92
CA LYS A 174 29.45 2.50 6.80
C LYS A 174 28.21 2.64 5.92
N VAL A 175 27.30 3.56 6.23
CA VAL A 175 26.04 3.71 5.50
C VAL A 175 25.77 5.19 5.28
N ASN A 176 24.75 5.47 4.48
CA ASN A 176 24.29 6.85 4.23
C ASN A 176 22.98 7.09 4.96
N HIS A 177 23.01 7.05 6.29
CA HIS A 177 21.88 7.39 7.16
C HIS A 177 20.69 6.43 7.05
N HIS A 178 20.14 6.26 5.86
CA HIS A 178 18.93 5.45 5.71
C HIS A 178 19.20 3.98 6.08
N TYR A 179 18.33 3.44 6.94
CA TYR A 179 18.60 2.18 7.62
C TYR A 179 17.34 1.68 8.32
N ARG A 180 16.31 1.30 7.56
CA ARG A 180 14.97 1.19 8.15
C ARG A 180 14.12 0.15 7.43
N ASP A 181 13.00 -0.20 8.09
CA ASP A 181 11.85 -0.97 7.59
C ASP A 181 12.11 -2.48 7.54
N PRO A 182 12.14 -3.15 8.69
CA PRO A 182 12.53 -4.57 8.71
C PRO A 182 11.38 -5.53 8.41
N LYS A 183 11.77 -6.69 7.89
CA LYS A 183 10.90 -7.85 7.76
C LYS A 183 11.67 -9.06 8.23
N VAL A 184 11.01 -9.91 9.03
CA VAL A 184 11.60 -11.12 9.59
C VAL A 184 10.80 -12.33 9.12
N TRP A 185 11.52 -13.39 8.74
CA TRP A 185 10.89 -14.62 8.30
C TRP A 185 11.85 -15.78 8.55
N LYS A 186 11.33 -17.00 8.44
CA LYS A 186 12.12 -18.21 8.63
C LYS A 186 12.25 -18.97 7.32
N THR A 187 13.47 -19.38 7.00
CA THR A 187 13.74 -20.28 5.88
C THR A 187 14.65 -21.39 6.39
N GLY A 188 14.21 -22.63 6.26
CA GLY A 188 15.00 -23.74 6.78
C GLY A 188 15.11 -23.65 8.29
N ASP A 189 16.35 -23.71 8.79
CA ASP A 189 16.62 -23.69 10.22
C ASP A 189 17.03 -22.31 10.74
N LYS A 190 17.00 -21.27 9.90
CA LYS A 190 17.47 -19.95 10.26
C LYS A 190 16.36 -18.92 10.09
N TRP A 191 16.29 -17.98 11.02
CA TRP A 191 15.47 -16.78 10.89
C TRP A 191 16.27 -15.71 10.17
N TYR A 192 15.58 -14.91 9.37
CA TYR A 192 16.22 -13.87 8.57
C TYR A 192 15.54 -12.53 8.80
N MET A 193 16.31 -11.46 8.66
CA MET A 193 15.79 -10.10 8.68
C MET A 193 16.38 -9.33 7.51
N THR A 194 15.54 -8.62 6.78
CA THR A 194 15.99 -7.65 5.82
C THR A 194 15.35 -6.29 6.09
N PHE A 195 16.10 -5.24 5.76
CA PHE A 195 15.59 -3.88 5.75
C PHE A 195 16.42 -3.09 4.75
N GLY A 196 15.94 -1.88 4.43
CA GLY A 196 16.55 -1.09 3.39
C GLY A 196 17.67 -0.19 3.90
N VAL A 197 18.73 -0.08 3.11
CA VAL A 197 19.90 0.69 3.46
C VAL A 197 20.31 1.57 2.29
N SER A 198 20.74 2.79 2.61
CA SER A 198 21.53 3.59 1.67
C SER A 198 23.00 3.34 1.99
N SER A 199 23.74 2.80 1.02
CA SER A 199 25.14 2.48 1.26
C SER A 199 25.96 3.77 1.39
N ALA A 200 27.22 3.61 1.79
CA ALA A 200 28.12 4.76 1.87
C ALA A 200 28.23 5.49 0.54
N GLU A 201 28.02 4.76 -0.57
CA GLU A 201 28.03 5.33 -1.91
C GLU A 201 26.64 5.72 -2.40
N LYS A 202 25.69 5.92 -1.46
CA LYS A 202 24.34 6.40 -1.76
C LYS A 202 23.58 5.44 -2.68
N ARG A 203 23.80 4.13 -2.53
CA ARG A 203 23.16 3.13 -3.36
C ARG A 203 22.11 2.39 -2.56
N GLY A 204 20.93 2.21 -3.14
CA GLY A 204 19.84 1.54 -2.42
C GLY A 204 20.10 0.05 -2.31
N GLN A 205 20.02 -0.46 -1.07
CA GLN A 205 20.38 -1.85 -0.79
C GLN A 205 19.38 -2.45 0.17
N MET A 206 19.29 -3.78 0.14
CA MET A 206 18.59 -4.55 1.15
C MET A 206 19.61 -5.42 1.86
N TRP A 207 19.77 -5.21 3.15
CA TRP A 207 20.72 -5.98 3.93
C TRP A 207 20.04 -7.23 4.46
N LEU A 208 20.84 -8.24 4.75
CA LEU A 208 20.31 -9.51 5.25
C LEU A 208 21.04 -9.90 6.53
N PHE A 209 20.27 -10.23 7.56
CA PHE A 209 20.78 -10.74 8.82
C PHE A 209 20.18 -12.13 9.07
N SER A 210 20.84 -12.91 9.92
CA SER A 210 20.35 -14.22 10.32
C SER A 210 20.32 -14.33 11.83
N SER A 211 19.58 -15.32 12.33
CA SER A 211 19.47 -15.54 13.76
C SER A 211 18.98 -16.96 14.02
N ASP A 212 19.38 -17.50 15.15
CA ASP A 212 18.85 -18.79 15.61
C ASP A 212 17.63 -18.63 16.49
N ASP A 213 17.53 -17.50 17.22
CA ASP A 213 16.53 -17.33 18.26
C ASP A 213 15.65 -16.10 18.07
N MET A 214 15.72 -15.44 16.91
CA MET A 214 14.99 -14.23 16.55
C MET A 214 15.39 -13.00 17.36
N VAL A 215 16.31 -13.13 18.32
CA VAL A 215 16.66 -12.03 19.20
C VAL A 215 18.06 -11.49 18.92
N LYS A 216 19.06 -12.37 18.93
CA LYS A 216 20.42 -12.00 18.57
C LYS A 216 20.64 -12.25 17.08
N TRP A 217 21.13 -11.23 16.38
CA TRP A 217 21.25 -11.29 14.93
C TRP A 217 22.72 -11.21 14.51
N THR A 218 22.99 -11.73 13.31
CA THR A 218 24.33 -11.74 12.74
C THR A 218 24.24 -11.28 11.29
N TYR A 219 25.09 -10.34 10.90
CA TYR A 219 25.07 -9.83 9.54
C TYR A 219 25.52 -10.91 8.55
N GLU A 220 24.77 -11.06 7.46
CA GLU A 220 25.11 -12.08 6.47
C GLU A 220 25.72 -11.46 5.22
N GLN A 221 24.95 -10.66 4.50
CA GLN A 221 25.45 -10.00 3.29
C GLN A 221 24.40 -8.98 2.84
N VAL A 222 24.70 -8.33 1.72
CA VAL A 222 23.72 -7.51 1.02
C VAL A 222 22.90 -8.42 0.12
N LEU A 223 21.60 -8.52 0.42
CA LEU A 223 20.73 -9.43 -0.34
C LEU A 223 20.53 -8.93 -1.77
N PHE A 224 20.45 -7.61 -1.94
CA PHE A 224 20.18 -7.02 -3.25
C PHE A 224 20.61 -5.56 -3.22
N GLU A 225 21.19 -5.09 -4.32
CA GLU A 225 21.48 -3.68 -4.54
C GLU A 225 20.82 -3.23 -5.83
N HIS A 226 20.10 -2.12 -5.76
CA HIS A 226 19.42 -1.59 -6.94
C HIS A 226 20.43 -1.10 -7.96
N PRO A 227 20.33 -1.52 -9.22
CA PRO A 227 21.35 -1.16 -10.22
C PRO A 227 21.28 0.28 -10.69
N ASP A 228 20.20 1.00 -10.40
CA ASP A 228 20.03 2.38 -10.81
C ASP A 228 20.70 3.30 -9.78
N SER A 229 21.75 4.01 -10.23
CA SER A 229 22.46 4.89 -9.31
C SER A 229 21.61 6.06 -8.83
N ASN A 230 20.51 6.36 -9.51
CA ASN A 230 19.58 7.37 -8.99
C ASN A 230 18.77 6.84 -7.82
N VAL A 231 18.60 5.53 -7.71
CA VAL A 231 17.89 4.92 -6.59
C VAL A 231 18.85 4.87 -5.41
N PHE A 232 18.63 5.72 -4.41
CA PHE A 232 19.54 5.80 -3.28
C PHE A 232 19.07 5.03 -2.05
N MET A 233 17.83 4.56 -2.04
CA MET A 233 17.27 3.92 -0.86
C MET A 233 16.11 3.04 -1.26
N LEU A 234 15.94 1.92 -0.56
CA LEU A 234 14.88 0.95 -0.81
C LEU A 234 14.03 0.83 0.46
N GLU A 235 12.95 1.61 0.52
CA GLU A 235 12.07 1.55 1.67
C GLU A 235 11.15 0.33 1.61
N CYS A 236 10.64 -0.03 2.79
CA CYS A 236 9.69 -1.12 2.95
C CYS A 236 9.96 -2.35 2.11
N PRO A 237 11.14 -2.96 2.25
CA PRO A 237 11.46 -4.13 1.44
C PRO A 237 10.57 -5.30 1.77
N ASP A 238 10.32 -6.14 0.77
CA ASP A 238 9.56 -7.37 0.91
C ASP A 238 10.33 -8.50 0.25
N PHE A 239 10.04 -9.73 0.69
CA PHE A 239 10.79 -10.91 0.26
C PHE A 239 10.02 -12.14 0.71
N PHE A 240 9.45 -12.90 -0.22
CA PHE A 240 8.67 -14.07 0.16
C PHE A 240 8.73 -15.11 -0.95
N PRO A 241 8.57 -16.38 -0.62
CA PRO A 241 8.50 -17.41 -1.66
C PRO A 241 7.09 -17.53 -2.24
N ILE A 242 7.03 -18.01 -3.48
CA ILE A 242 5.74 -18.26 -4.13
C ILE A 242 5.93 -19.33 -5.19
N LYS A 243 4.90 -20.16 -5.36
CA LYS A 243 4.92 -21.23 -6.36
C LYS A 243 4.53 -20.68 -7.72
N ASP A 244 5.32 -21.02 -8.74
CA ASP A 244 4.92 -20.69 -10.10
C ASP A 244 3.84 -21.68 -10.53
N VAL A 245 3.44 -21.62 -11.81
CA VAL A 245 2.36 -22.48 -12.26
C VAL A 245 2.81 -23.93 -12.39
N GLU A 246 4.12 -24.17 -12.48
CA GLU A 246 4.64 -25.53 -12.49
C GLU A 246 4.79 -26.11 -11.08
N GLY A 247 4.53 -25.32 -10.04
CA GLY A 247 4.80 -25.74 -8.69
C GLY A 247 6.23 -25.60 -8.24
N ASN A 248 7.07 -24.92 -9.02
CA ASN A 248 8.43 -24.64 -8.60
C ASN A 248 8.47 -23.34 -7.80
N GLU A 249 9.32 -23.30 -6.78
CA GLU A 249 9.35 -22.16 -5.87
C GLU A 249 10.19 -21.05 -6.48
N LYS A 250 9.58 -19.88 -6.65
CA LYS A 250 10.30 -18.65 -6.93
C LYS A 250 10.32 -17.80 -5.67
N TRP A 251 11.06 -16.70 -5.72
CA TRP A 251 11.03 -15.70 -4.67
C TRP A 251 10.69 -14.36 -5.30
N VAL A 252 9.84 -13.60 -4.63
CA VAL A 252 9.51 -12.25 -5.04
C VAL A 252 10.23 -11.29 -4.10
N ILE A 253 10.97 -10.35 -4.68
CA ILE A 253 11.54 -9.24 -3.94
C ILE A 253 10.74 -7.99 -4.29
N GLY A 254 10.44 -7.18 -3.27
CA GLY A 254 9.72 -5.94 -3.48
C GLY A 254 10.35 -4.85 -2.65
N PHE A 255 10.16 -3.61 -3.08
CA PHE A 255 10.72 -2.49 -2.35
C PHE A 255 10.08 -1.21 -2.86
N SER A 256 10.09 -0.19 -1.99
CA SER A 256 9.69 1.16 -2.33
C SER A 256 10.95 1.95 -2.66
N ALA A 257 11.21 2.14 -3.96
CA ALA A 257 12.45 2.72 -4.42
C ALA A 257 12.37 4.25 -4.42
N MET A 258 13.39 4.89 -3.86
CA MET A 258 13.49 6.35 -3.86
C MET A 258 14.54 6.79 -4.86
N GLY A 259 14.15 7.67 -5.79
CA GLY A 259 15.11 8.41 -6.60
C GLY A 259 15.12 8.12 -8.09
N ALA A 260 14.42 7.10 -8.57
CA ALA A 260 14.46 6.79 -9.99
C ALA A 260 13.84 7.90 -10.81
N LYS A 261 14.46 8.20 -11.94
CA LYS A 261 13.93 9.25 -12.80
C LYS A 261 12.82 8.69 -13.69
N PRO A 262 11.78 9.48 -13.98
CA PRO A 262 10.70 8.99 -14.83
C PRO A 262 11.18 8.71 -16.24
N SER A 263 10.45 7.85 -16.94
CA SER A 263 10.76 7.52 -18.33
C SER A 263 9.47 7.06 -19.01
N GLY A 264 8.92 7.90 -19.87
CA GLY A 264 7.69 7.53 -20.56
C GLY A 264 6.56 7.45 -19.56
N PHE A 265 5.89 6.29 -19.53
CA PHE A 265 4.85 6.00 -18.54
C PHE A 265 5.40 5.52 -17.21
N MET A 266 6.70 5.26 -17.10
CA MET A 266 7.28 4.49 -16.00
C MET A 266 7.88 5.39 -14.95
N ASN A 267 7.72 5.01 -13.68
CA ASN A 267 8.32 5.69 -12.53
C ASN A 267 7.92 7.17 -12.46
N ARG A 268 6.63 7.45 -12.69
CA ARG A 268 6.16 8.83 -12.76
C ARG A 268 5.91 9.44 -11.39
N ASN A 269 5.65 8.64 -10.36
CA ASN A 269 5.45 9.20 -9.03
C ASN A 269 6.80 9.58 -8.42
N VAL A 270 6.75 10.43 -7.38
CA VAL A 270 7.97 10.91 -6.74
C VAL A 270 8.85 9.75 -6.30
N ASN A 271 8.23 8.71 -5.73
CA ASN A 271 8.89 7.44 -5.46
C ASN A 271 7.93 6.34 -5.89
N ASN A 272 8.50 5.17 -6.22
CA ASN A 272 7.73 4.12 -6.86
C ASN A 272 8.03 2.77 -6.22
N ALA A 273 6.97 2.01 -5.98
CA ALA A 273 7.06 0.68 -5.38
C ALA A 273 6.84 -0.40 -6.43
N GLY A 274 7.53 -1.52 -6.27
CA GLY A 274 7.44 -2.58 -7.26
C GLY A 274 8.21 -3.79 -6.83
N TYR A 275 8.38 -4.71 -7.79
CA TYR A 275 8.90 -6.03 -7.46
C TYR A 275 9.67 -6.59 -8.65
N MET A 276 10.42 -7.64 -8.38
CA MET A 276 10.97 -8.53 -9.40
C MET A 276 10.79 -9.97 -8.90
N ILE A 277 10.66 -10.90 -9.84
CA ILE A 277 10.51 -12.31 -9.52
C ILE A 277 11.80 -13.02 -9.91
N GLY A 278 12.24 -13.95 -9.08
CA GLY A 278 13.43 -14.72 -9.38
C GLY A 278 13.65 -15.84 -8.40
N THR A 279 14.91 -16.13 -8.09
CA THR A 279 15.27 -17.26 -7.26
C THR A 279 16.17 -16.80 -6.12
N TRP A 280 16.16 -17.57 -5.04
CA TRP A 280 17.05 -17.29 -3.93
C TRP A 280 17.38 -18.60 -3.23
N THR A 281 18.68 -18.88 -3.10
CA THR A 281 19.16 -19.95 -2.24
C THR A 281 19.85 -19.32 -1.04
N PRO A 282 19.43 -19.62 0.18
CA PRO A 282 20.07 -19.02 1.37
C PRO A 282 21.58 -19.21 1.34
N GLY A 283 22.30 -18.12 1.57
CA GLY A 283 23.74 -18.07 1.42
C GLY A 283 24.21 -17.26 0.22
N GLU A 284 23.31 -17.00 -0.73
CA GLU A 284 23.60 -16.20 -1.91
C GLU A 284 22.72 -14.96 -1.93
N GLN A 285 22.96 -14.11 -2.92
CA GLN A 285 22.07 -12.99 -3.15
C GLN A 285 20.82 -13.43 -3.93
N PHE A 286 19.82 -12.56 -3.93
CA PHE A 286 18.66 -12.74 -4.79
C PHE A 286 19.08 -12.66 -6.26
N LYS A 287 18.53 -13.54 -7.07
CA LYS A 287 18.77 -13.53 -8.51
C LYS A 287 17.49 -13.14 -9.23
N PRO A 288 17.37 -11.89 -9.69
CA PRO A 288 16.15 -11.50 -10.40
C PRO A 288 16.04 -12.18 -11.75
N GLU A 289 14.82 -12.56 -12.13
CA GLU A 289 14.55 -13.11 -13.44
C GLU A 289 13.59 -12.25 -14.25
N THR A 290 13.07 -11.16 -13.68
CA THR A 290 12.22 -10.23 -14.40
C THR A 290 12.74 -8.81 -14.23
N GLU A 291 12.24 -7.91 -15.06
CA GLU A 291 12.47 -6.50 -14.86
C GLU A 291 11.68 -6.01 -13.65
N PHE A 292 12.02 -4.80 -13.19
CA PHE A 292 11.22 -4.13 -12.18
C PHE A 292 9.82 -3.86 -12.73
N ARG A 293 8.80 -4.24 -11.97
CA ARG A 293 7.41 -4.02 -12.34
C ARG A 293 6.68 -3.35 -11.19
N LEU A 294 5.86 -2.36 -11.50
CA LEU A 294 5.11 -1.68 -10.45
C LEU A 294 4.10 -2.61 -9.81
N TRP A 295 3.98 -2.52 -8.48
CA TRP A 295 2.85 -3.16 -7.79
C TRP A 295 1.54 -2.58 -8.27
N ASP A 296 1.44 -1.25 -8.28
CA ASP A 296 0.23 -0.53 -8.59
C ASP A 296 0.57 0.65 -9.48
N CYS A 297 -0.20 0.83 -10.56
CA CYS A 297 0.12 1.78 -11.62
C CYS A 297 -0.57 3.13 -11.44
N GLY A 298 -1.22 3.37 -10.31
CA GLY A 298 -2.04 4.55 -10.12
C GLY A 298 -1.26 5.76 -9.62
N HIS A 299 -2.02 6.79 -9.23
CA HIS A 299 -1.42 8.04 -8.78
C HIS A 299 -0.86 7.95 -7.37
N ASN A 300 -1.50 7.18 -6.49
CA ASN A 300 -1.24 7.27 -5.04
C ASN A 300 -1.12 5.86 -4.48
N TYR A 301 0.11 5.34 -4.48
CA TYR A 301 0.38 4.00 -3.95
C TYR A 301 1.85 3.96 -3.55
N TYR A 302 2.11 3.50 -2.33
CA TYR A 302 3.49 3.44 -1.87
C TYR A 302 3.55 2.56 -0.63
N ALA A 303 4.78 2.21 -0.24
CA ALA A 303 5.14 1.46 0.96
C ALA A 303 4.29 0.20 1.17
N PRO A 304 4.07 -0.66 0.17
CA PRO A 304 3.28 -1.86 0.43
C PRO A 304 4.02 -2.78 1.38
N GLN A 305 3.24 -3.45 2.23
CA GLN A 305 3.71 -4.52 3.09
C GLN A 305 2.83 -5.74 2.84
N SER A 306 3.44 -6.92 2.77
CA SER A 306 2.69 -8.15 2.62
C SER A 306 2.87 -9.01 3.86
N PHE A 307 1.92 -9.93 4.04
CA PHE A 307 2.03 -10.92 5.11
C PHE A 307 1.40 -12.21 4.61
N ASN A 308 1.54 -13.26 5.40
CA ASN A 308 1.01 -14.57 5.06
C ASN A 308 0.06 -15.02 6.15
N ASP A 309 -1.16 -15.42 5.76
CA ASP A 309 -2.15 -15.90 6.72
C ASP A 309 -2.12 -17.41 6.90
N GLY A 310 -1.09 -18.07 6.38
CA GLY A 310 -0.97 -19.52 6.39
C GLY A 310 -1.23 -20.14 5.03
N LYS A 311 -1.91 -19.46 4.14
CA LYS A 311 -2.19 -19.95 2.80
C LYS A 311 -1.96 -18.90 1.72
N ARG A 312 -2.29 -17.65 1.99
CA ARG A 312 -2.25 -16.59 1.00
C ARG A 312 -1.24 -15.51 1.41
N GLN A 313 -0.54 -14.96 0.42
CA GLN A 313 0.26 -13.76 0.62
C GLN A 313 -0.61 -12.54 0.29
N ILE A 314 -0.79 -11.66 1.27
CA ILE A 314 -1.74 -10.55 1.18
C ILE A 314 -0.99 -9.24 1.32
N VAL A 315 -1.31 -8.26 0.46
CA VAL A 315 -0.57 -7.01 0.43
C VAL A 315 -1.53 -5.82 0.57
N TYR A 316 -1.19 -4.90 1.47
CA TYR A 316 -1.81 -3.58 1.57
C TYR A 316 -0.81 -2.54 1.06
N GLY A 317 -1.32 -1.53 0.37
CA GLY A 317 -0.51 -0.37 0.10
C GLY A 317 -1.01 0.89 0.78
N TRP A 318 -0.13 1.87 0.97
CA TRP A 318 -0.52 3.19 1.42
C TRP A 318 -0.81 4.05 0.20
N MET A 319 -1.96 4.71 0.19
CA MET A 319 -2.30 5.60 -0.92
C MET A 319 -1.57 6.91 -0.68
N SER A 320 -0.38 7.03 -1.27
CA SER A 320 0.55 8.10 -0.89
C SER A 320 0.25 9.37 -1.67
N PRO A 321 -0.03 10.49 -1.01
CA PRO A 321 -0.12 11.78 -1.71
C PRO A 321 1.21 12.53 -1.65
N PHE A 322 2.00 12.45 -2.73
CA PHE A 322 3.32 13.07 -2.78
C PHE A 322 3.33 14.40 -3.50
N VAL A 323 2.22 14.82 -4.11
CA VAL A 323 2.18 15.98 -4.99
C VAL A 323 1.17 16.98 -4.46
N GLU A 324 1.61 18.23 -4.30
CA GLU A 324 0.72 19.31 -3.91
C GLU A 324 -0.14 19.74 -5.11
N PRO A 325 -1.36 20.25 -4.86
CA PRO A 325 -1.96 20.35 -3.54
C PRO A 325 -2.65 19.07 -3.09
N ILE A 326 -2.79 18.90 -1.79
CA ILE A 326 -3.45 17.73 -1.19
C ILE A 326 -4.67 18.22 -0.44
N PRO A 327 -5.82 18.37 -1.10
CA PRO A 327 -6.94 19.09 -0.47
C PRO A 327 -7.50 18.42 0.77
N MET A 328 -7.40 17.09 0.87
CA MET A 328 -7.97 16.43 2.04
C MET A 328 -7.25 16.81 3.33
N GLN A 329 -6.05 17.38 3.24
CA GLN A 329 -5.35 17.82 4.44
C GLN A 329 -6.05 18.99 5.13
N ASP A 330 -7.04 19.60 4.50
CA ASP A 330 -7.87 20.62 5.14
C ASP A 330 -9.06 20.03 5.87
N ASP A 331 -9.21 18.70 5.89
CA ASP A 331 -10.42 18.06 6.37
C ASP A 331 -10.21 17.27 7.66
N GLY A 332 -9.07 17.43 8.33
CA GLY A 332 -8.83 16.77 9.59
C GLY A 332 -8.24 15.37 9.51
N TRP A 333 -7.83 14.93 8.33
CA TRP A 333 -7.24 13.61 8.14
C TRP A 333 -6.40 13.66 6.87
N CYS A 334 -5.59 12.63 6.68
CA CYS A 334 -4.89 12.51 5.41
C CYS A 334 -4.46 11.07 5.22
N GLY A 335 -4.82 10.50 4.07
CA GLY A 335 -4.35 9.18 3.68
C GLY A 335 -5.21 8.02 4.14
N ASN A 336 -5.27 7.00 3.30
CA ASN A 336 -5.88 5.73 3.63
C ASN A 336 -5.12 4.62 2.92
N LEU A 337 -5.40 3.37 3.30
CA LEU A 337 -4.74 2.23 2.66
C LEU A 337 -5.57 1.71 1.49
N THR A 338 -4.97 0.81 0.71
CA THR A 338 -5.71 0.09 -0.31
C THR A 338 -6.62 -0.94 0.35
N LEU A 339 -7.41 -1.62 -0.47
CA LEU A 339 -7.97 -2.88 -0.06
C LEU A 339 -6.85 -3.92 0.02
N PRO A 340 -7.02 -4.97 0.83
CA PRO A 340 -6.06 -6.07 0.81
C PRO A 340 -6.18 -6.89 -0.46
N ARG A 341 -5.03 -7.28 -1.01
CA ARG A 341 -4.96 -8.00 -2.27
C ARG A 341 -4.21 -9.31 -2.10
N GLU A 342 -4.73 -10.36 -2.73
CA GLU A 342 -4.10 -11.67 -2.72
C GLU A 342 -3.10 -11.77 -3.87
N ILE A 343 -1.86 -12.12 -3.55
CA ILE A 343 -0.79 -12.23 -4.54
C ILE A 343 -0.79 -13.64 -5.12
N THR A 344 -0.89 -13.74 -6.45
CA THR A 344 -0.83 -15.03 -7.13
C THR A 344 0.14 -14.94 -8.29
N LEU A 345 0.67 -16.12 -8.67
CA LEU A 345 1.54 -16.26 -9.83
C LEU A 345 1.04 -17.42 -10.66
N GLY A 346 0.64 -17.13 -11.91
CA GLY A 346 0.14 -18.14 -12.82
C GLY A 346 0.86 -18.17 -14.16
N ALA A 347 0.16 -18.66 -15.19
CA ALA A 347 0.81 -19.00 -16.45
C ALA A 347 1.39 -17.80 -17.17
N ASP A 348 0.87 -16.59 -16.96
CA ASP A 348 1.39 -15.45 -17.70
C ASP A 348 2.70 -14.90 -17.13
N GLY A 349 3.29 -15.57 -16.14
CA GLY A 349 4.61 -15.24 -15.64
C GLY A 349 4.70 -14.02 -14.76
N ASP A 350 3.56 -13.47 -14.35
CA ASP A 350 3.53 -12.23 -13.59
C ASP A 350 2.61 -12.37 -12.40
N LEU A 351 2.83 -11.50 -11.41
CA LEU A 351 1.95 -11.47 -10.26
C LEU A 351 0.61 -10.88 -10.65
N HIS A 352 -0.46 -11.47 -10.12
CA HIS A 352 -1.76 -10.82 -10.07
C HIS A 352 -2.01 -10.41 -8.63
N THR A 353 -2.82 -9.37 -8.44
CA THR A 353 -3.15 -8.88 -7.10
C THR A 353 -4.64 -8.51 -7.06
N ALA A 354 -5.49 -9.51 -7.27
CA ALA A 354 -6.91 -9.32 -7.14
C ALA A 354 -7.26 -9.10 -5.65
N PRO A 355 -8.40 -8.47 -5.38
CA PRO A 355 -8.84 -8.33 -3.98
C PRO A 355 -8.96 -9.70 -3.33
N VAL A 356 -8.70 -9.74 -2.02
CA VAL A 356 -8.94 -10.98 -1.28
C VAL A 356 -10.41 -11.35 -1.41
N ALA A 357 -10.70 -12.65 -1.30
CA ALA A 357 -12.08 -13.12 -1.44
C ALA A 357 -13.01 -12.46 -0.44
N GLU A 358 -12.49 -12.07 0.73
CA GLU A 358 -13.33 -11.45 1.76
C GLU A 358 -13.96 -10.15 1.29
N MET A 359 -13.35 -9.47 0.32
CA MET A 359 -13.86 -8.18 -0.12
C MET A 359 -15.24 -8.25 -0.74
N GLU A 360 -15.73 -9.44 -1.10
CA GLU A 360 -17.12 -9.53 -1.58
C GLU A 360 -18.11 -9.23 -0.47
N GLY A 361 -17.71 -9.43 0.80
CA GLY A 361 -18.57 -9.10 1.92
C GLY A 361 -18.87 -7.61 2.05
N LEU A 362 -18.21 -6.76 1.26
CA LEU A 362 -18.53 -5.33 1.24
C LEU A 362 -19.81 -5.02 0.47
N ARG A 363 -20.27 -5.95 -0.36
CA ARG A 363 -21.40 -5.70 -1.26
C ARG A 363 -22.71 -5.74 -0.49
N GLU A 364 -23.44 -4.62 -0.49
CA GLU A 364 -24.79 -4.61 0.09
C GLU A 364 -25.80 -5.28 -0.83
N ASP A 365 -25.57 -5.22 -2.14
CA ASP A 365 -26.57 -5.63 -3.11
C ASP A 365 -25.87 -5.97 -4.41
N THR A 366 -26.66 -6.23 -5.46
CA THR A 366 -26.11 -6.42 -6.79
C THR A 366 -27.12 -5.89 -7.80
N VAL A 367 -26.68 -4.94 -8.63
CA VAL A 367 -27.54 -4.31 -9.64
C VAL A 367 -26.96 -4.64 -11.01
N ASP A 368 -27.68 -5.44 -11.78
CA ASP A 368 -27.23 -5.87 -13.09
C ASP A 368 -27.80 -4.93 -14.15
N PHE A 369 -26.93 -4.23 -14.85
CA PHE A 369 -27.35 -3.39 -15.96
C PHE A 369 -27.31 -4.14 -17.29
N GLY A 370 -26.88 -5.40 -17.29
CA GLY A 370 -26.91 -6.22 -18.48
C GLY A 370 -25.86 -5.85 -19.49
N ALA A 371 -26.15 -6.13 -20.75
CA ALA A 371 -25.30 -5.72 -21.86
C ALA A 371 -25.71 -4.33 -22.32
N ILE A 372 -24.74 -3.44 -22.51
CA ILE A 372 -24.99 -2.10 -23.00
C ILE A 372 -24.19 -1.88 -24.27
N ASP A 373 -24.84 -1.29 -25.28
CA ASP A 373 -24.22 -0.92 -26.54
C ASP A 373 -24.36 0.58 -26.74
N LEU A 374 -23.26 1.23 -27.06
CA LEU A 374 -23.28 2.61 -27.53
C LEU A 374 -22.87 2.55 -29.00
N ASP A 375 -23.88 2.55 -29.89
CA ASP A 375 -23.67 2.43 -31.33
CA ASP A 375 -23.65 2.42 -31.32
C ASP A 375 -23.08 3.70 -31.95
N VAL A 376 -22.84 4.74 -31.16
CA VAL A 376 -22.27 6.00 -31.63
C VAL A 376 -21.55 6.62 -30.45
N SER A 377 -20.61 7.53 -30.74
CA SER A 377 -19.91 8.25 -29.68
C SER A 377 -20.93 8.95 -28.79
N GLY A 378 -20.67 8.90 -27.49
CA GLY A 378 -21.57 9.53 -26.54
C GLY A 378 -21.42 8.92 -25.16
N GLU A 379 -22.38 9.23 -24.31
CA GLU A 379 -22.35 8.78 -22.93
C GLU A 379 -23.75 8.37 -22.49
N LYS A 380 -23.79 7.52 -21.46
CA LYS A 380 -25.02 7.03 -20.86
C LYS A 380 -24.83 7.00 -19.36
N THR A 381 -25.69 7.70 -18.63
CA THR A 381 -25.59 7.73 -17.17
C THR A 381 -26.08 6.41 -16.59
N ILE A 382 -25.24 5.78 -15.76
CA ILE A 382 -25.58 4.51 -15.12
C ILE A 382 -26.33 4.73 -13.82
N VAL A 383 -25.77 5.52 -12.90
CA VAL A 383 -26.48 5.96 -11.71
C VAL A 383 -26.26 7.46 -11.50
N ASP A 384 -27.26 8.11 -10.89
CA ASP A 384 -27.21 9.55 -10.67
C ASP A 384 -26.25 9.93 -9.54
N ASP A 385 -26.04 9.04 -8.59
CA ASP A 385 -25.24 9.36 -7.42
C ASP A 385 -24.64 8.07 -6.87
N ALA A 386 -23.32 8.06 -6.73
CA ALA A 386 -22.58 6.88 -6.27
C ALA A 386 -21.54 7.37 -5.27
N GLU A 387 -21.83 7.19 -3.98
CA GLU A 387 -20.93 7.62 -2.92
C GLU A 387 -19.87 6.56 -2.61
N ALA A 388 -20.25 5.29 -2.63
CA ALA A 388 -19.32 4.19 -2.38
C ALA A 388 -19.89 2.95 -3.07
N VAL A 389 -19.33 2.62 -4.24
CA VAL A 389 -19.85 1.51 -5.05
C VAL A 389 -18.70 0.73 -5.66
N GLU A 390 -19.02 -0.47 -6.12
CA GLU A 390 -18.11 -1.32 -6.88
C GLU A 390 -18.74 -1.62 -8.22
N ILE A 391 -17.99 -1.44 -9.30
CA ILE A 391 -18.49 -1.68 -10.65
C ILE A 391 -17.66 -2.79 -11.28
N GLU A 392 -18.33 -3.85 -11.70
CA GLU A 392 -17.71 -4.90 -12.51
C GLU A 392 -18.23 -4.75 -13.93
N MET A 393 -17.31 -4.60 -14.89
CA MET A 393 -17.72 -4.46 -16.27
C MET A 393 -16.75 -5.20 -17.18
N THR A 394 -17.31 -5.74 -18.26
CA THR A 394 -16.55 -6.46 -19.27
C THR A 394 -16.74 -5.78 -20.62
N ILE A 395 -15.66 -5.29 -21.19
CA ILE A 395 -15.68 -4.56 -22.45
C ILE A 395 -15.36 -5.52 -23.58
N ASP A 396 -16.15 -5.45 -24.65
CA ASP A 396 -15.89 -6.21 -25.87
C ASP A 396 -14.91 -5.40 -26.71
N LEU A 397 -13.61 -5.72 -26.59
CA LEU A 397 -12.61 -5.01 -27.37
C LEU A 397 -12.76 -5.29 -28.87
N ALA A 398 -13.23 -6.48 -29.24
CA ALA A 398 -13.24 -6.87 -30.64
C ALA A 398 -14.31 -6.14 -31.44
N ASN A 399 -15.44 -5.82 -30.80
CA ASN A 399 -16.55 -5.21 -31.51
C ASN A 399 -16.81 -3.77 -31.08
N SER A 400 -15.82 -3.11 -30.50
CA SER A 400 -15.90 -1.70 -30.14
C SER A 400 -14.90 -0.93 -30.98
N THR A 401 -15.32 0.19 -31.54
CA THR A 401 -14.41 1.03 -32.32
C THR A 401 -13.93 2.27 -31.56
N ALA A 402 -14.48 2.54 -30.38
CA ALA A 402 -14.16 3.78 -29.66
C ALA A 402 -12.65 3.87 -29.39
N GLU A 403 -12.07 5.02 -29.72
CA GLU A 403 -10.65 5.24 -29.45
C GLU A 403 -10.36 5.28 -27.96
N ARG A 404 -11.35 5.62 -27.15
CA ARG A 404 -11.20 5.64 -25.70
C ARG A 404 -12.57 5.40 -25.08
N ALA A 405 -12.68 4.42 -24.19
CA ALA A 405 -13.98 3.99 -23.70
C ALA A 405 -13.88 3.46 -22.27
N GLY A 406 -14.80 3.88 -21.42
CA GLY A 406 -14.84 3.40 -20.05
C GLY A 406 -15.87 4.08 -19.17
N LEU A 407 -15.47 4.39 -17.94
CA LEU A 407 -16.36 5.03 -16.99
C LEU A 407 -15.86 6.44 -16.66
N ARG A 408 -16.79 7.33 -16.39
CA ARG A 408 -16.52 8.58 -15.70
C ARG A 408 -17.20 8.52 -14.34
N VAL A 409 -16.40 8.52 -13.28
CA VAL A 409 -16.92 8.46 -11.92
C VAL A 409 -16.70 9.83 -11.26
N HIS A 410 -17.31 10.01 -10.09
CA HIS A 410 -17.31 11.29 -9.38
C HIS A 410 -17.74 12.43 -10.32
N ALA A 411 -18.67 12.11 -11.23
CA ALA A 411 -19.10 13.05 -12.25
C ALA A 411 -20.08 14.04 -11.64
N THR A 412 -19.59 15.18 -11.22
CA THR A 412 -20.40 16.15 -10.50
C THR A 412 -20.97 17.21 -11.44
N GLU A 413 -21.99 17.92 -10.95
CA GLU A 413 -22.74 18.86 -11.77
C GLU A 413 -21.91 20.05 -12.24
N ASP A 414 -20.73 20.26 -11.69
CA ASP A 414 -19.79 21.24 -12.22
C ASP A 414 -19.00 20.71 -13.41
N GLY A 415 -19.38 19.56 -13.96
CA GLY A 415 -18.69 18.97 -15.09
C GLY A 415 -17.40 18.26 -14.75
N ALA A 416 -17.02 18.22 -13.48
CA ALA A 416 -15.79 17.54 -13.07
C ALA A 416 -16.02 16.05 -12.91
N TYR A 417 -14.98 15.27 -13.16
CA TYR A 417 -15.09 13.81 -13.16
C TYR A 417 -13.70 13.21 -13.12
N THR A 418 -13.64 11.92 -12.85
CA THR A 418 -12.45 11.11 -13.03
C THR A 418 -12.77 10.06 -14.10
N SER A 419 -11.85 9.88 -15.04
CA SER A 419 -12.06 8.94 -16.13
C SER A 419 -11.29 7.64 -15.88
N VAL A 420 -11.94 6.52 -16.17
CA VAL A 420 -11.34 5.19 -16.08
C VAL A 420 -11.70 4.49 -17.38
N ALA A 421 -10.77 4.48 -18.33
CA ALA A 421 -11.07 4.05 -19.68
C ALA A 421 -9.93 3.26 -20.30
N TYR A 422 -10.28 2.40 -21.25
CA TYR A 422 -9.32 1.81 -22.16
C TYR A 422 -8.95 2.82 -23.24
N ASP A 423 -7.67 2.87 -23.60
CA ASP A 423 -7.14 3.83 -24.56
C ASP A 423 -6.48 3.07 -25.71
N ASP A 424 -7.11 3.09 -26.89
CA ASP A 424 -6.58 2.29 -28.00
C ASP A 424 -5.33 2.88 -28.63
N GLN A 425 -5.08 4.19 -28.50
CA GLN A 425 -3.89 4.77 -29.09
C GLN A 425 -2.62 4.37 -28.34
N ILE A 426 -2.73 3.92 -27.10
CA ILE A 426 -1.57 3.47 -26.33
C ILE A 426 -1.74 2.04 -25.83
N GLY A 427 -2.89 1.42 -26.03
CA GLY A 427 -3.12 0.06 -25.59
C GLY A 427 -3.03 -0.13 -24.10
N ARG A 428 -3.58 0.80 -23.32
CA ARG A 428 -3.49 0.75 -21.87
C ARG A 428 -4.82 1.18 -21.25
N VAL A 429 -5.02 0.79 -19.99
CA VAL A 429 -6.07 1.33 -19.15
C VAL A 429 -5.52 2.57 -18.46
N VAL A 430 -6.32 3.63 -18.41
CA VAL A 430 -5.87 4.94 -17.96
C VAL A 430 -6.81 5.46 -16.88
N VAL A 431 -6.24 5.97 -15.79
CA VAL A 431 -6.98 6.76 -14.81
C VAL A 431 -6.61 8.22 -15.03
N ASP A 432 -7.53 8.99 -15.58
CA ASP A 432 -7.28 10.36 -16.00
C ASP A 432 -8.03 11.33 -15.08
N ARG A 433 -7.30 12.22 -14.41
CA ARG A 433 -7.87 13.18 -13.47
C ARG A 433 -7.84 14.60 -14.00
N GLN A 434 -7.73 14.77 -15.33
CA GLN A 434 -7.59 16.12 -15.87
C GLN A 434 -8.82 16.98 -15.58
N ALA A 435 -10.00 16.37 -15.47
CA ALA A 435 -11.22 17.10 -15.19
C ALA A 435 -11.55 17.16 -13.71
N ASN A 436 -10.64 16.74 -12.83
CA ASN A 436 -10.82 16.94 -11.40
C ASN A 436 -10.85 18.43 -11.09
N ALA A 437 -11.79 18.83 -10.24
CA ALA A 437 -11.86 20.23 -9.83
C ALA A 437 -10.79 20.58 -8.80
N GLN A 438 -10.20 19.58 -8.14
CA GLN A 438 -9.17 19.81 -7.14
C GLN A 438 -8.16 18.68 -7.19
N GLY A 439 -7.02 18.90 -6.56
CA GLY A 439 -5.92 17.96 -6.64
C GLY A 439 -4.96 18.29 -7.78
N ASP A 440 -3.89 17.51 -7.85
CA ASP A 440 -2.86 17.79 -8.85
C ASP A 440 -3.19 17.24 -10.23
N ARG A 441 -4.28 16.48 -10.36
CA ARG A 441 -4.80 16.01 -11.65
C ARG A 441 -3.88 15.00 -12.32
N GLY A 442 -3.66 15.14 -13.62
CA GLY A 442 -2.79 14.25 -14.37
C GLY A 442 -3.47 12.93 -14.69
N TYR A 443 -2.68 12.00 -15.23
CA TYR A 443 -3.19 10.68 -15.55
C TYR A 443 -2.11 9.62 -15.38
N ARG A 444 -2.57 8.39 -15.11
CA ARG A 444 -1.71 7.23 -14.91
C ARG A 444 -2.20 6.09 -15.79
N THR A 445 -1.28 5.22 -16.19
CA THR A 445 -1.59 4.16 -17.13
C THR A 445 -1.11 2.81 -16.61
N ALA A 446 -1.83 1.75 -17.00
CA ALA A 446 -1.46 0.38 -16.73
C ALA A 446 -1.28 -0.37 -18.03
N PRO A 447 -0.15 -1.05 -18.23
CA PRO A 447 0.10 -1.71 -19.51
C PRO A 447 -0.76 -2.95 -19.68
N LEU A 448 -0.97 -3.31 -20.95
CA LEU A 448 -1.66 -4.55 -21.30
C LEU A 448 -0.74 -5.32 -22.24
N SER A 449 -0.56 -6.61 -21.98
CA SER A 449 0.32 -7.43 -22.79
C SER A 449 -0.25 -7.56 -24.21
N GLU A 450 0.60 -8.09 -25.11
CA GLU A 450 0.13 -8.39 -26.45
C GLU A 450 -1.04 -9.37 -26.42
N ALA A 451 -0.97 -10.38 -25.54
CA ALA A 451 -2.06 -11.33 -25.42
C ALA A 451 -3.33 -10.66 -24.91
N GLU A 452 -3.21 -9.80 -23.90
CA GLU A 452 -4.37 -9.11 -23.36
C GLU A 452 -5.02 -8.21 -24.41
N LEU A 453 -4.21 -7.55 -25.24
CA LEU A 453 -4.74 -6.71 -26.29
C LEU A 453 -5.42 -7.53 -27.38
N ALA A 454 -4.99 -8.77 -27.56
CA ALA A 454 -5.53 -9.64 -28.60
C ALA A 454 -6.67 -10.52 -28.11
N ALA A 455 -7.03 -10.43 -26.83
CA ALA A 455 -8.10 -11.25 -26.29
C ALA A 455 -9.48 -10.75 -26.68
N GLY A 456 -9.59 -9.53 -27.18
CA GLY A 456 -10.88 -9.01 -27.58
C GLY A 456 -11.85 -8.75 -26.45
N GLU A 457 -11.37 -8.76 -25.21
CA GLU A 457 -12.23 -8.58 -24.05
C GLU A 457 -11.38 -8.08 -22.90
N LEU A 458 -11.94 -7.15 -22.13
CA LEU A 458 -11.20 -6.47 -21.07
C LEU A 458 -12.10 -6.34 -19.86
N LYS A 459 -11.64 -6.84 -18.71
CA LYS A 459 -12.41 -6.81 -17.48
C LYS A 459 -11.91 -5.71 -16.57
N LEU A 460 -12.82 -4.88 -16.07
CA LEU A 460 -12.51 -3.84 -15.11
C LEU A 460 -13.32 -4.07 -13.84
N ARG A 461 -12.66 -3.95 -12.70
CA ARG A 461 -13.29 -4.02 -11.39
C ARG A 461 -12.95 -2.72 -10.67
N VAL A 462 -13.90 -1.77 -10.67
CA VAL A 462 -13.64 -0.39 -10.25
C VAL A 462 -14.31 -0.15 -8.90
N TYR A 463 -13.50 0.19 -7.90
CA TYR A 463 -14.01 0.62 -6.60
C TYR A 463 -14.02 2.14 -6.54
N VAL A 464 -15.17 2.70 -6.16
CA VAL A 464 -15.32 4.13 -5.98
C VAL A 464 -15.66 4.38 -4.51
N ASP A 465 -14.76 5.05 -3.80
CA ASP A 465 -15.02 5.53 -2.45
C ASP A 465 -15.19 7.05 -2.50
N ARG A 466 -15.34 7.66 -1.32
CA ARG A 466 -15.64 9.08 -1.27
C ARG A 466 -14.53 9.93 -1.86
N GLY A 467 -13.28 9.47 -1.78
CA GLY A 467 -12.16 10.29 -2.23
C GLY A 467 -11.08 9.52 -2.95
N CYS A 468 -11.38 8.32 -3.45
CA CYS A 468 -10.37 7.59 -4.22
C CYS A 468 -11.06 6.59 -5.14
N VAL A 469 -10.25 5.98 -6.01
CA VAL A 469 -10.69 4.91 -6.89
C VAL A 469 -9.61 3.83 -6.86
N GLU A 470 -10.03 2.57 -7.01
CA GLU A 470 -9.15 1.44 -7.18
C GLU A 470 -9.66 0.65 -8.39
N VAL A 471 -8.80 0.47 -9.38
CA VAL A 471 -9.19 -0.11 -10.66
C VAL A 471 -8.39 -1.40 -10.85
N TYR A 472 -9.08 -2.53 -10.81
CA TYR A 472 -8.44 -3.82 -11.03
C TYR A 472 -8.67 -4.23 -12.48
N VAL A 473 -7.58 -4.52 -13.19
CA VAL A 473 -7.63 -4.83 -14.62
C VAL A 473 -7.38 -6.32 -14.80
N ASN A 474 -8.31 -6.98 -15.50
CA ASN A 474 -8.18 -8.38 -15.90
C ASN A 474 -7.82 -9.27 -14.71
N ASP A 475 -8.72 -9.23 -13.71
CA ASP A 475 -8.57 -10.02 -12.48
C ASP A 475 -7.26 -9.69 -11.76
N GLY A 476 -6.97 -8.40 -11.66
CA GLY A 476 -5.84 -7.94 -10.87
C GLY A 476 -4.48 -8.09 -11.50
N ARG A 477 -4.41 -8.41 -12.79
CA ARG A 477 -3.11 -8.43 -13.47
C ARG A 477 -2.42 -7.09 -13.34
N GLN A 478 -3.19 -6.00 -13.39
CA GLN A 478 -2.71 -4.68 -13.03
C GLN A 478 -3.76 -3.99 -12.18
N VAL A 479 -3.31 -3.07 -11.34
CA VAL A 479 -4.19 -2.29 -10.48
C VAL A 479 -3.73 -0.83 -10.50
N LEU A 480 -4.69 0.09 -10.49
CA LEU A 480 -4.41 1.52 -10.37
C LEU A 480 -5.24 2.11 -9.24
N SER A 481 -4.57 2.74 -8.30
CA SER A 481 -5.22 3.40 -7.18
C SER A 481 -4.84 4.87 -7.19
N SER A 482 -5.85 5.74 -7.25
CA SER A 482 -5.63 7.18 -7.29
C SER A 482 -6.66 7.90 -6.45
N TYR A 483 -6.24 8.96 -5.77
CA TYR A 483 -7.19 9.85 -5.11
C TYR A 483 -8.00 10.59 -6.16
N SER A 484 -9.30 10.70 -5.92
CA SER A 484 -10.25 11.37 -6.81
C SER A 484 -11.05 12.33 -5.93
N TYR A 485 -10.75 13.63 -6.05
CA TYR A 485 -11.33 14.62 -5.14
C TYR A 485 -12.63 15.17 -5.73
N ALA A 486 -13.70 14.40 -5.54
CA ALA A 486 -15.00 14.73 -6.08
C ALA A 486 -15.52 16.05 -5.54
N SER A 487 -16.28 16.77 -6.37
CA SER A 487 -16.92 18.02 -5.99
C SER A 487 -18.23 17.76 -5.25
N GLU A 488 -18.88 18.85 -4.82
CA GLU A 488 -20.14 18.75 -4.11
C GLU A 488 -21.25 18.27 -5.04
N GLY A 489 -22.35 17.82 -4.43
CA GLY A 489 -23.53 17.43 -5.16
C GLY A 489 -23.55 15.96 -5.50
N PRO A 490 -24.54 15.55 -6.29
CA PRO A 490 -24.59 14.15 -6.74
C PRO A 490 -23.37 13.78 -7.57
N ARG A 491 -22.90 12.55 -7.38
CA ARG A 491 -21.70 12.03 -8.03
C ARG A 491 -22.14 10.92 -8.99
N ALA A 492 -22.38 11.31 -10.24
CA ALA A 492 -22.85 10.36 -11.24
C ALA A 492 -21.74 9.38 -11.63
N ILE A 493 -22.17 8.27 -12.23
CA ILE A 493 -21.26 7.36 -12.92
C ILE A 493 -21.82 7.16 -14.32
N LYS A 494 -20.98 7.37 -15.33
CA LYS A 494 -21.39 7.32 -16.72
C LYS A 494 -20.53 6.33 -17.49
N LEU A 495 -21.17 5.63 -18.42
CA LEU A 495 -20.47 4.87 -19.45
C LEU A 495 -20.25 5.79 -20.65
N VAL A 496 -19.01 5.89 -21.12
CA VAL A 496 -18.59 6.88 -22.10
C VAL A 496 -17.82 6.21 -23.21
N ALA A 497 -18.24 6.45 -24.45
CA ALA A 497 -17.53 6.00 -25.64
C ALA A 497 -17.06 7.23 -26.42
N GLU A 498 -15.75 7.31 -26.64
CA GLU A 498 -15.14 8.45 -27.33
C GLU A 498 -14.69 8.02 -28.71
N SER A 499 -15.21 8.69 -29.73
CA SER A 499 -14.75 8.54 -31.11
C SER A 499 -14.92 7.11 -31.62
N GLY A 500 -16.11 6.56 -31.46
CA GLY A 500 -16.42 5.23 -31.95
C GLY A 500 -17.43 4.54 -31.05
N THR A 501 -17.60 3.24 -31.30
CA THR A 501 -18.62 2.44 -30.64
C THR A 501 -18.07 1.75 -29.40
N LEU A 502 -18.98 1.41 -28.48
CA LEU A 502 -18.62 0.68 -27.27
C LEU A 502 -19.67 -0.39 -27.03
N LYS A 503 -19.23 -1.65 -26.96
CA LYS A 503 -20.07 -2.78 -26.59
C LYS A 503 -19.61 -3.29 -25.23
N VAL A 504 -20.48 -3.20 -24.24
CA VAL A 504 -20.19 -3.70 -22.90
C VAL A 504 -20.98 -4.98 -22.71
N LYS A 505 -20.28 -6.10 -22.57
CA LYS A 505 -20.97 -7.39 -22.42
C LYS A 505 -21.74 -7.48 -21.12
N SER A 506 -21.24 -6.82 -20.06
CA SER A 506 -21.87 -6.91 -18.75
C SER A 506 -21.38 -5.73 -17.91
N LEU A 507 -22.31 -5.14 -17.14
CA LEU A 507 -21.98 -4.10 -16.18
C LEU A 507 -22.83 -4.33 -14.95
N VAL A 508 -22.19 -4.48 -13.80
CA VAL A 508 -22.87 -4.83 -12.55
C VAL A 508 -22.36 -3.91 -11.45
N LEU A 509 -23.29 -3.37 -10.67
CA LEU A 509 -22.97 -2.43 -9.60
C LEU A 509 -23.29 -3.04 -8.24
N HIS A 510 -22.40 -2.77 -7.27
CA HIS A 510 -22.62 -3.12 -5.87
C HIS A 510 -22.43 -1.89 -5.02
N HIS A 511 -23.42 -1.56 -4.19
CA HIS A 511 -23.20 -0.55 -3.17
C HIS A 511 -22.33 -1.13 -2.07
N MET A 512 -21.40 -0.32 -1.58
CA MET A 512 -20.43 -0.79 -0.60
C MET A 512 -20.91 -0.50 0.82
N LYS A 513 -20.83 -1.50 1.69
CA LYS A 513 -21.05 -1.33 3.11
C LYS A 513 -19.99 -0.42 3.73
N SER A 514 -20.32 0.14 4.89
CA SER A 514 -19.31 0.78 5.73
C SER A 514 -18.53 -0.29 6.47
N ILE A 515 -17.20 -0.10 6.57
CA ILE A 515 -16.38 -1.04 7.33
C ILE A 515 -16.35 -0.72 8.82
N GLY A 516 -16.98 0.38 9.23
CA GLY A 516 -17.15 0.65 10.66
C GLY A 516 -16.09 1.51 11.30
N LEU A 517 -15.27 2.20 10.51
CA LEU A 517 -14.20 3.02 11.07
C LEU A 517 -14.44 4.52 10.91
N GLU A 518 -15.50 4.92 10.21
CA GLU A 518 -15.77 6.33 10.00
C GLU A 518 -16.55 6.89 11.19
#